data_4EUN
#
_entry.id   4EUN
#
_cell.length_a   51.088
_cell.length_b   51.088
_cell.length_c   119.616
_cell.angle_alpha   90.000
_cell.angle_beta   90.000
_cell.angle_gamma   120.000
#
_symmetry.space_group_name_H-M   'P 32 2 1'
#
loop_
_entity.id
_entity.type
_entity.pdbx_description
1 polymer 'thermoresistant glucokinase'
2 non-polymer 'SULFATE ION'
3 water water
#
_entity_poly.entity_id   1
_entity_poly.type   'polypeptide(L)'
_entity_poly.pdbx_seq_one_letter_code
;MHHHHHHSSGVDLGTENLYFQSMMTGEPTRHVVVMGVSGSGKTTIAHGVADETGLEFAEADAFHSPENIATMQRGIPLTD
EDRWPWLRSLAEWMDARADAGVSTIITCSALKRTYRDVLREGPPSVDFLHLDGPAEVIKGRMSKREGHFMPASLLQSQLA
TLEALEPDESGIVLDLRQPPEQLIERALTWLDIAPAVATH
;
_entity_poly.pdbx_strand_id   A
#
loop_
_chem_comp.id
_chem_comp.type
_chem_comp.name
_chem_comp.formula
SO4 non-polymer 'SULFATE ION' 'O4 S -2'
#
# COMPACT_ATOMS: atom_id res chain seq x y z
N PRO A 28 7.07 18.55 -9.66
CA PRO A 28 5.94 18.21 -8.79
C PRO A 28 6.29 17.08 -7.83
N THR A 29 5.57 16.99 -6.71
CA THR A 29 5.82 15.92 -5.76
C THR A 29 5.14 14.66 -6.26
N ARG A 30 5.63 13.51 -5.81
CA ARG A 30 5.04 12.24 -6.21
C ARG A 30 4.57 11.50 -4.97
N HIS A 31 3.50 10.74 -5.13
CA HIS A 31 2.92 10.03 -4.00
C HIS A 31 2.45 8.67 -4.45
N VAL A 32 3.08 7.65 -3.88
CA VAL A 32 2.88 6.27 -4.33
C VAL A 32 2.24 5.50 -3.20
N VAL A 33 1.28 4.63 -3.55
CA VAL A 33 0.69 3.71 -2.58
C VAL A 33 0.92 2.29 -3.06
N VAL A 34 1.55 1.48 -2.23
CA VAL A 34 1.72 0.05 -2.53
C VAL A 34 0.58 -0.64 -1.81
N MET A 35 -0.34 -1.21 -2.57
N MET A 35 -0.29 -1.27 -2.58
CA MET A 35 -1.52 -1.84 -2.00
CA MET A 35 -1.52 -1.83 -2.03
C MET A 35 -1.45 -3.34 -2.21
C MET A 35 -1.47 -3.34 -2.22
N GLY A 36 -1.84 -4.10 -1.18
CA GLY A 36 -1.90 -5.54 -1.28
C GLY A 36 -2.21 -6.11 0.08
N VAL A 37 -2.64 -7.35 0.14
CA VAL A 37 -2.97 -7.94 1.43
C VAL A 37 -1.72 -8.16 2.28
N SER A 38 -1.91 -8.42 3.57
CA SER A 38 -0.81 -8.77 4.46
C SER A 38 -0.08 -10.01 3.97
N GLY A 39 1.26 -9.95 3.98
CA GLY A 39 2.06 -11.09 3.60
C GLY A 39 2.32 -11.15 2.11
N SER A 40 1.97 -10.07 1.40
CA SER A 40 2.18 -9.99 -0.03
C SER A 40 3.59 -9.46 -0.37
N GLY A 41 4.22 -8.79 0.60
CA GLY A 41 5.58 -8.30 0.41
C GLY A 41 5.65 -6.81 0.12
N LYS A 42 4.63 -6.07 0.57
CA LYS A 42 4.51 -4.65 0.26
C LYS A 42 5.64 -3.83 0.83
N THR A 43 6.06 -4.17 2.04
CA THR A 43 7.12 -3.41 2.70
C THR A 43 8.43 -3.50 1.90
N THR A 44 8.77 -4.71 1.45
CA THR A 44 9.97 -4.92 0.65
C THR A 44 9.96 -4.09 -0.64
N ILE A 45 8.83 -4.09 -1.36
CA ILE A 45 8.69 -3.32 -2.58
C ILE A 45 8.76 -1.80 -2.30
N ALA A 46 8.01 -1.34 -1.32
CA ALA A 46 7.99 0.09 -0.98
C ALA A 46 9.37 0.58 -0.56
N HIS A 47 10.04 -0.23 0.25
CA HIS A 47 11.38 0.10 0.75
C HIS A 47 12.37 0.14 -0.42
N GLY A 48 12.26 -0.83 -1.32
CA GLY A 48 13.14 -0.86 -2.48
C GLY A 48 12.95 0.34 -3.39
N VAL A 49 11.70 0.75 -3.59
CA VAL A 49 11.41 1.93 -4.39
C VAL A 49 11.92 3.20 -3.69
N ALA A 50 11.68 3.29 -2.38
CA ALA A 50 12.09 4.46 -1.61
C ALA A 50 13.60 4.66 -1.68
N ASP A 51 14.35 3.57 -1.57
CA ASP A 51 15.81 3.65 -1.49
C ASP A 51 16.47 4.17 -2.76
N GLU A 52 15.76 4.09 -3.88
CA GLU A 52 16.31 4.53 -5.17
C GLU A 52 15.76 5.87 -5.65
N THR A 53 14.76 6.40 -4.94
CA THR A 53 14.07 7.59 -5.41
C THR A 53 14.06 8.73 -4.40
N GLY A 54 14.33 8.42 -3.14
CA GLY A 54 14.25 9.42 -2.08
C GLY A 54 12.85 9.66 -1.54
N LEU A 55 11.88 8.87 -1.98
CA LEU A 55 10.52 9.00 -1.47
C LEU A 55 10.50 8.65 0.01
N GLU A 56 9.69 9.36 0.80
CA GLU A 56 9.59 9.05 2.23
C GLU A 56 8.67 7.86 2.42
N PHE A 57 9.18 6.83 3.08
CA PHE A 57 8.39 5.61 3.31
C PHE A 57 7.60 5.71 4.60
N ALA A 58 6.33 5.30 4.55
CA ALA A 58 5.53 5.16 5.76
C ALA A 58 4.64 3.95 5.65
N GLU A 59 4.36 3.33 6.80
N GLU A 59 4.33 3.36 6.80
CA GLU A 59 3.47 2.19 6.89
CA GLU A 59 3.47 2.20 6.89
C GLU A 59 2.08 2.69 7.29
C GLU A 59 2.08 2.68 7.30
N ALA A 60 1.08 2.48 6.43
CA ALA A 60 -0.25 3.04 6.67
C ALA A 60 -0.96 2.52 7.91
N ASP A 61 -0.67 1.29 8.32
CA ASP A 61 -1.38 0.74 9.49
C ASP A 61 -1.06 1.55 10.75
N ALA A 62 0.06 2.27 10.78
CA ALA A 62 0.41 3.02 11.97
C ALA A 62 -0.57 4.18 12.18
N PHE A 63 -1.27 4.56 11.11
CA PHE A 63 -2.26 5.64 11.17
C PHE A 63 -3.60 5.16 11.69
N HIS A 64 -3.79 3.84 11.78
CA HIS A 64 -5.03 3.29 12.36
C HIS A 64 -5.03 3.60 13.85
N SER A 65 -6.22 3.70 14.43
CA SER A 65 -6.35 3.74 15.89
C SER A 65 -5.91 2.41 16.48
N PRO A 66 -5.45 2.43 17.74
CA PRO A 66 -5.05 1.17 18.38
C PRO A 66 -6.19 0.17 18.43
N GLU A 67 -7.40 0.66 18.66
CA GLU A 67 -8.56 -0.21 18.75
C GLU A 67 -8.84 -0.90 17.41
N ASN A 68 -8.68 -0.19 16.31
CA ASN A 68 -8.89 -0.82 15.00
C ASN A 68 -7.84 -1.89 14.71
N ILE A 69 -6.60 -1.64 15.11
CA ILE A 69 -5.57 -2.67 14.99
C ILE A 69 -5.95 -3.90 15.82
N ALA A 70 -6.33 -3.67 17.07
CA ALA A 70 -6.72 -4.79 17.95
C ALA A 70 -7.91 -5.59 17.42
N THR A 71 -8.89 -4.88 16.85
CA THR A 71 -10.10 -5.51 16.31
C THR A 71 -9.71 -6.45 15.18
N MET A 72 -8.85 -5.99 14.27
CA MET A 72 -8.39 -6.83 13.17
C MET A 72 -7.56 -7.98 13.68
N GLN A 73 -6.75 -7.75 14.72
CA GLN A 73 -5.92 -8.84 15.23
C GLN A 73 -6.74 -9.99 15.82
N ARG A 74 -7.96 -9.71 16.24
CA ARG A 74 -8.85 -10.77 16.72
C ARG A 74 -9.57 -11.47 15.58
N GLY A 75 -9.37 -10.97 14.36
CA GLY A 75 -9.94 -11.60 13.18
C GLY A 75 -11.23 -10.96 12.69
N ILE A 76 -11.54 -9.77 13.19
CA ILE A 76 -12.78 -9.09 12.77
C ILE A 76 -12.43 -8.08 11.70
N PRO A 77 -13.01 -8.23 10.50
CA PRO A 77 -12.74 -7.25 9.43
C PRO A 77 -13.34 -5.88 9.75
N LEU A 78 -12.62 -4.81 9.39
CA LEU A 78 -13.18 -3.46 9.54
C LEU A 78 -14.23 -3.22 8.47
N THR A 79 -15.09 -2.23 8.71
CA THR A 79 -16.10 -1.81 7.75
C THR A 79 -15.64 -0.55 7.03
N ASP A 80 -16.41 -0.10 6.04
CA ASP A 80 -16.15 1.17 5.40
C ASP A 80 -16.12 2.27 6.45
N GLU A 81 -17.08 2.25 7.37
CA GLU A 81 -17.19 3.27 8.40
C GLU A 81 -15.93 3.33 9.28
N ASP A 82 -15.38 2.16 9.61
CA ASP A 82 -14.16 2.09 10.42
C ASP A 82 -13.00 2.73 9.69
N ARG A 83 -13.03 2.62 8.36
CA ARG A 83 -11.87 2.99 7.56
C ARG A 83 -11.82 4.44 7.08
N TRP A 84 -12.98 5.10 6.99
CA TRP A 84 -13.00 6.47 6.47
C TRP A 84 -12.05 7.44 7.19
N PRO A 85 -12.08 7.48 8.55
CA PRO A 85 -11.17 8.43 9.20
C PRO A 85 -9.71 8.09 8.97
N TRP A 86 -9.38 6.82 8.88
CA TRP A 86 -8.03 6.35 8.59
C TRP A 86 -7.57 6.80 7.20
N LEU A 87 -8.40 6.55 6.20
CA LEU A 87 -8.11 6.99 4.84
C LEU A 87 -7.96 8.50 4.74
N ARG A 88 -8.81 9.24 5.45
CA ARG A 88 -8.69 10.71 5.43
C ARG A 88 -7.39 11.16 6.08
N SER A 89 -6.94 10.47 7.12
CA SER A 89 -5.68 10.88 7.76
C SER A 89 -4.50 10.61 6.84
N LEU A 90 -4.58 9.52 6.08
CA LEU A 90 -3.54 9.21 5.09
C LEU A 90 -3.51 10.26 3.99
N ALA A 91 -4.70 10.67 3.52
CA ALA A 91 -4.80 11.69 2.49
C ALA A 91 -4.24 13.01 3.01
N GLU A 92 -4.60 13.36 4.24
CA GLU A 92 -4.12 14.60 4.83
C GLU A 92 -2.62 14.58 5.04
N TRP A 93 -2.07 13.45 5.46
CA TRP A 93 -0.62 13.32 5.68
C TRP A 93 0.10 13.52 4.35
N MET A 94 -0.37 12.86 3.30
CA MET A 94 0.23 13.05 1.98
C MET A 94 0.12 14.49 1.46
N ASP A 95 -1.02 15.12 1.68
CA ASP A 95 -1.24 16.49 1.23
C ASP A 95 -0.29 17.45 1.93
N ALA A 96 -0.08 17.24 3.23
CA ALA A 96 0.78 18.14 3.99
C ALA A 96 2.24 17.93 3.62
N ARG A 97 2.62 16.68 3.34
CA ARG A 97 3.97 16.39 2.84
C ARG A 97 4.17 17.09 1.49
N ALA A 98 3.22 16.91 0.58
CA ALA A 98 3.24 17.57 -0.72
C ALA A 98 3.44 19.07 -0.62
N ASP A 99 2.73 19.70 0.30
CA ASP A 99 2.78 21.15 0.45
C ASP A 99 4.19 21.60 0.83
N ALA A 100 4.93 20.73 1.52
CA ALA A 100 6.28 21.08 1.96
C ALA A 100 7.33 20.54 1.00
N GLY A 101 6.87 19.99 -0.13
CA GLY A 101 7.79 19.56 -1.17
C GLY A 101 8.30 18.14 -1.01
N VAL A 102 7.67 17.38 -0.10
CA VAL A 102 8.13 16.03 0.22
C VAL A 102 7.30 14.97 -0.54
N SER A 103 8.00 14.10 -1.27
CA SER A 103 7.36 13.00 -1.99
C SER A 103 7.31 11.77 -1.09
N THR A 104 6.30 10.93 -1.27
CA THR A 104 6.01 9.85 -0.32
C THR A 104 5.68 8.51 -1.00
N ILE A 105 5.93 7.43 -0.27
CA ILE A 105 5.43 6.10 -0.65
C ILE A 105 4.95 5.41 0.61
N ILE A 106 3.71 4.91 0.58
CA ILE A 106 3.14 4.24 1.74
C ILE A 106 2.65 2.86 1.37
N THR A 107 2.70 1.94 2.33
CA THR A 107 2.10 0.62 2.12
C THR A 107 0.71 0.62 2.72
N CYS A 108 -0.27 0.09 1.97
CA CYS A 108 -1.64 -0.08 2.45
C CYS A 108 -2.09 -1.52 2.27
N SER A 109 -2.96 -2.00 3.16
CA SER A 109 -3.65 -3.27 2.94
C SER A 109 -4.69 -3.10 1.83
N ALA A 110 -5.65 -4.02 1.75
CA ALA A 110 -6.60 -4.03 0.64
C ALA A 110 -7.44 -2.75 0.58
N LEU A 111 -7.60 -2.21 -0.62
CA LEU A 111 -8.43 -1.03 -0.77
C LEU A 111 -9.49 -1.22 -1.84
N LYS A 112 -10.69 -0.72 -1.54
CA LYS A 112 -11.74 -0.59 -2.51
C LYS A 112 -11.45 0.63 -3.37
N ARG A 113 -12.08 0.70 -4.54
CA ARG A 113 -12.02 1.89 -5.39
C ARG A 113 -12.39 3.16 -4.64
N THR A 114 -13.50 3.13 -3.91
CA THR A 114 -13.92 4.29 -3.11
C THR A 114 -12.86 4.73 -2.09
N TYR A 115 -12.09 3.77 -1.55
CA TYR A 115 -11.03 4.11 -0.60
C TYR A 115 -9.93 4.87 -1.32
N ARG A 116 -9.59 4.41 -2.52
CA ARG A 116 -8.58 5.08 -3.32
C ARG A 116 -9.03 6.48 -3.71
N ASP A 117 -10.33 6.66 -3.93
CA ASP A 117 -10.88 8.01 -4.19
C ASP A 117 -10.56 8.96 -3.03
N VAL A 118 -10.72 8.47 -1.79
CA VAL A 118 -10.44 9.29 -0.61
C VAL A 118 -8.95 9.65 -0.52
N LEU A 119 -8.07 8.68 -0.77
CA LEU A 119 -6.64 8.95 -0.80
C LEU A 119 -6.31 10.05 -1.82
N ARG A 120 -7.00 10.02 -2.97
CA ARG A 120 -6.75 11.00 -4.03
C ARG A 120 -7.29 12.39 -3.71
N GLU A 121 -8.07 12.51 -2.63
CA GLU A 121 -8.54 13.83 -2.20
C GLU A 121 -7.44 14.65 -1.52
N GLY A 122 -6.34 13.99 -1.16
CA GLY A 122 -5.23 14.65 -0.48
C GLY A 122 -4.25 15.36 -1.40
N PRO A 123 -3.22 14.63 -1.85
CA PRO A 123 -2.12 15.21 -2.64
C PRO A 123 -2.51 15.37 -4.10
N PRO A 124 -1.68 16.08 -4.89
CA PRO A 124 -2.10 16.37 -6.27
C PRO A 124 -2.23 15.15 -7.18
N SER A 125 -1.62 14.03 -6.81
CA SER A 125 -1.76 12.79 -7.57
C SER A 125 -1.41 11.61 -6.67
N VAL A 126 -1.95 10.44 -7.00
CA VAL A 126 -1.55 9.20 -6.33
C VAL A 126 -1.39 8.05 -7.33
N ASP A 127 -0.23 7.42 -7.31
CA ASP A 127 0.06 6.29 -8.19
C ASP A 127 0.05 5.02 -7.37
N PHE A 128 -0.62 3.98 -7.88
CA PHE A 128 -0.76 2.76 -7.11
C PHE A 128 0.08 1.63 -7.68
N LEU A 129 0.77 0.91 -6.79
CA LEU A 129 1.41 -0.34 -7.15
C LEU A 129 0.59 -1.43 -6.46
N HIS A 130 -0.09 -2.24 -7.26
CA HIS A 130 -0.97 -3.27 -6.71
C HIS A 130 -0.24 -4.60 -6.68
N LEU A 131 0.21 -5.01 -5.49
CA LEU A 131 0.99 -6.23 -5.31
C LEU A 131 0.03 -7.35 -4.98
N ASP A 132 0.00 -8.38 -5.82
CA ASP A 132 -1.01 -9.40 -5.64
C ASP A 132 -0.64 -10.69 -6.36
N GLY A 133 -1.41 -11.73 -6.09
CA GLY A 133 -1.18 -13.02 -6.70
C GLY A 133 -2.20 -13.99 -6.20
N PRO A 134 -2.07 -15.27 -6.59
CA PRO A 134 -3.03 -16.28 -6.16
C PRO A 134 -3.06 -16.43 -4.65
N ALA A 135 -4.24 -16.60 -4.09
CA ALA A 135 -4.38 -16.79 -2.64
C ALA A 135 -3.48 -17.89 -2.08
N GLU A 136 -3.32 -18.98 -2.85
N GLU A 136 -3.31 -18.98 -2.83
CA GLU A 136 -2.53 -20.13 -2.42
CA GLU A 136 -2.52 -20.12 -2.35
C GLU A 136 -1.06 -19.76 -2.19
C GLU A 136 -1.04 -19.75 -2.17
N VAL A 137 -0.55 -18.85 -3.02
CA VAL A 137 0.85 -18.40 -2.91
C VAL A 137 1.00 -17.49 -1.71
N ILE A 138 0.01 -16.63 -1.50
CA ILE A 138 0.01 -15.73 -0.35
C ILE A 138 -0.01 -16.55 0.95
N LYS A 139 -0.89 -17.54 1.01
CA LYS A 139 -0.97 -18.42 2.18
C LYS A 139 0.34 -19.16 2.44
N GLY A 140 1.01 -19.58 1.38
CA GLY A 140 2.29 -20.26 1.50
C GLY A 140 3.37 -19.35 2.04
N ARG A 141 3.35 -18.08 1.64
CA ARG A 141 4.30 -17.10 2.15
C ARG A 141 4.13 -16.92 3.66
N MET A 142 2.87 -16.77 4.08
CA MET A 142 2.53 -16.56 5.48
C MET A 142 2.91 -17.74 6.37
N SER A 143 2.88 -18.93 5.78
CA SER A 143 3.19 -20.15 6.52
C SER A 143 4.68 -20.28 6.85
N LYS A 144 5.50 -19.47 6.19
CA LYS A 144 6.95 -19.53 6.39
C LYS A 144 7.41 -18.53 7.44
N ARG A 145 6.45 -17.93 8.14
CA ARG A 145 6.77 -16.97 9.18
C ARG A 145 6.24 -17.45 10.53
N GLU A 146 7.01 -17.20 11.58
CA GLU A 146 6.65 -17.62 12.93
C GLU A 146 5.60 -16.69 13.51
N GLY A 147 5.85 -15.40 13.40
CA GLY A 147 4.91 -14.41 13.90
C GLY A 147 4.02 -13.87 12.82
N HIS A 148 2.81 -13.48 13.20
CA HIS A 148 1.96 -12.72 12.30
C HIS A 148 1.36 -11.53 13.03
N PHE A 149 1.43 -10.38 12.37
CA PHE A 149 0.83 -9.18 12.89
C PHE A 149 -0.70 -9.29 12.78
N MET A 150 -1.17 -9.91 11.69
CA MET A 150 -2.59 -10.11 11.47
C MET A 150 -2.90 -11.59 11.28
N PRO A 151 -4.10 -12.03 11.68
CA PRO A 151 -4.41 -13.45 11.60
C PRO A 151 -4.62 -13.89 10.15
N ALA A 152 -4.23 -15.11 9.84
CA ALA A 152 -4.41 -15.68 8.52
C ALA A 152 -5.87 -15.68 8.09
N SER A 153 -6.78 -15.75 9.06
CA SER A 153 -8.21 -15.83 8.76
C SER A 153 -8.74 -14.57 8.09
N LEU A 154 -8.00 -13.47 8.19
CA LEU A 154 -8.43 -12.22 7.56
C LEU A 154 -8.24 -12.23 6.06
N LEU A 155 -7.45 -13.18 5.55
CA LEU A 155 -7.09 -13.16 4.13
C LEU A 155 -8.29 -13.20 3.21
N GLN A 156 -9.26 -14.07 3.50
CA GLN A 156 -10.45 -14.17 2.65
C GLN A 156 -11.17 -12.84 2.49
N SER A 157 -11.41 -12.17 3.62
CA SER A 157 -12.09 -10.88 3.61
C SER A 157 -11.27 -9.79 2.92
N GLN A 158 -9.95 -9.85 3.08
CA GLN A 158 -9.08 -8.88 2.43
C GLN A 158 -9.11 -9.04 0.91
N LEU A 159 -9.11 -10.28 0.44
CA LEU A 159 -9.12 -10.54 -0.99
C LEU A 159 -10.46 -10.10 -1.59
N ALA A 160 -11.51 -10.11 -0.76
CA ALA A 160 -12.80 -9.60 -1.20
C ALA A 160 -12.83 -8.06 -1.26
N THR A 161 -12.03 -7.41 -0.42
CA THR A 161 -12.00 -5.95 -0.30
C THR A 161 -11.13 -5.31 -1.39
N LEU A 162 -10.13 -6.06 -1.85
CA LEU A 162 -9.15 -5.58 -2.82
C LEU A 162 -9.77 -5.52 -4.22
N GLU A 163 -10.26 -4.34 -4.59
CA GLU A 163 -10.90 -4.13 -5.90
C GLU A 163 -9.86 -3.77 -6.96
N ALA A 164 -9.96 -4.43 -8.13
CA ALA A 164 -9.02 -4.19 -9.23
C ALA A 164 -8.88 -2.72 -9.55
N LEU A 165 -7.67 -2.30 -9.91
CA LEU A 165 -7.49 -0.95 -10.43
C LEU A 165 -8.33 -0.76 -11.68
N GLU A 166 -8.98 0.40 -11.78
CA GLU A 166 -9.90 0.71 -12.86
C GLU A 166 -9.23 1.65 -13.87
N PRO A 167 -9.75 1.69 -15.12
CA PRO A 167 -9.08 2.43 -16.19
C PRO A 167 -8.70 3.89 -15.91
N ASP A 168 -9.51 4.60 -15.13
CA ASP A 168 -9.24 6.02 -14.91
C ASP A 168 -8.31 6.25 -13.71
N GLU A 169 -7.79 5.18 -13.14
CA GLU A 169 -6.84 5.30 -12.04
C GLU A 169 -5.41 5.15 -12.57
N SER A 170 -4.45 5.63 -11.79
CA SER A 170 -3.06 5.47 -12.17
C SER A 170 -2.45 4.35 -11.34
N GLY A 171 -2.14 3.23 -11.99
CA GLY A 171 -1.55 2.14 -11.27
C GLY A 171 -1.10 0.99 -12.16
N ILE A 172 -0.24 0.14 -11.61
CA ILE A 172 0.10 -1.12 -12.27
C ILE A 172 0.04 -2.28 -11.28
N VAL A 173 -0.14 -3.48 -11.83
CA VAL A 173 -0.13 -4.70 -11.05
C VAL A 173 1.27 -5.31 -10.97
N LEU A 174 1.66 -5.73 -9.77
CA LEU A 174 2.93 -6.42 -9.57
C LEU A 174 2.63 -7.84 -9.08
N ASP A 175 2.97 -8.84 -9.88
CA ASP A 175 2.70 -10.22 -9.54
C ASP A 175 3.71 -10.70 -8.50
N LEU A 176 3.24 -11.00 -7.29
CA LEU A 176 4.13 -11.30 -6.17
C LEU A 176 4.86 -12.63 -6.31
N ARG A 177 4.52 -13.39 -7.33
CA ARG A 177 5.24 -14.62 -7.64
C ARG A 177 6.61 -14.30 -8.22
N GLN A 178 6.80 -13.06 -8.69
CA GLN A 178 8.07 -12.66 -9.29
C GLN A 178 9.03 -12.22 -8.21
N PRO A 179 10.34 -12.33 -8.48
CA PRO A 179 11.27 -11.87 -7.44
C PRO A 179 11.17 -10.36 -7.22
N PRO A 180 11.26 -9.94 -5.95
CA PRO A 180 11.11 -8.54 -5.52
C PRO A 180 12.03 -7.59 -6.30
N GLU A 181 13.25 -8.02 -6.58
CA GLU A 181 14.19 -7.21 -7.36
C GLU A 181 13.62 -6.85 -8.72
N GLN A 182 12.96 -7.82 -9.35
CA GLN A 182 12.29 -7.60 -10.64
C GLN A 182 11.10 -6.66 -10.49
N LEU A 183 10.30 -6.88 -9.45
CA LEU A 183 9.12 -6.05 -9.22
C LEU A 183 9.50 -4.59 -8.94
N ILE A 184 10.55 -4.41 -8.15
CA ILE A 184 11.04 -3.05 -7.83
C ILE A 184 11.52 -2.32 -9.09
N GLU A 185 12.27 -3.03 -9.94
CA GLU A 185 12.73 -2.47 -11.21
C GLU A 185 11.55 -2.13 -12.09
N ARG A 186 10.56 -3.01 -12.11
CA ARG A 186 9.34 -2.82 -12.89
C ARG A 186 8.59 -1.57 -12.41
N ALA A 187 8.44 -1.46 -11.10
CA ALA A 187 7.81 -0.29 -10.47
C ALA A 187 8.55 1.00 -10.78
N LEU A 188 9.87 0.97 -10.64
CA LEU A 188 10.71 2.15 -10.86
C LEU A 188 10.63 2.63 -12.31
N THR A 189 10.61 1.67 -13.24
CA THR A 189 10.49 2.01 -14.66
C THR A 189 9.16 2.69 -14.93
N TRP A 190 8.10 2.13 -14.36
CA TRP A 190 6.77 2.68 -14.57
C TRP A 190 6.58 4.05 -13.89
N LEU A 191 6.98 4.15 -12.63
CA LEU A 191 6.80 5.38 -11.85
C LEU A 191 7.56 6.55 -12.47
N ASP A 192 8.73 6.26 -13.03
CA ASP A 192 9.60 7.27 -13.64
C ASP A 192 9.74 8.50 -12.76
N ILE A 193 10.11 8.27 -11.49
CA ILE A 193 10.30 9.35 -10.54
C ILE A 193 11.45 10.21 -11.03
N ALA A 194 11.21 11.51 -11.15
CA ALA A 194 12.24 12.44 -11.62
C ALA A 194 13.39 12.44 -10.62
N PRO A 195 14.63 12.39 -11.11
CA PRO A 195 15.83 12.31 -10.27
C PRO A 195 15.91 13.46 -9.27
N ALA A 196 15.32 14.59 -9.64
CA ALA A 196 15.34 15.79 -8.81
C ALA A 196 14.41 15.70 -7.61
N VAL A 197 13.67 14.61 -7.50
CA VAL A 197 12.82 14.38 -6.33
C VAL A 197 13.65 13.98 -5.10
N ALA A 198 14.80 13.35 -5.37
CA ALA A 198 15.66 12.83 -4.32
C ALA A 198 16.57 13.90 -3.74
N THR A 199 17.42 13.50 -2.81
CA THR A 199 18.45 14.36 -2.27
C THR A 199 19.78 13.65 -2.47
N HIS A 200 20.88 14.37 -2.30
CA HIS A 200 22.20 13.79 -2.29
C HIS A 200 23.00 14.52 -1.22
S SO4 B . 3.55 -7.20 3.80
O1 SO4 B . 2.48 -6.86 2.88
O2 SO4 B . 2.97 -7.61 5.06
O3 SO4 B . 4.39 -6.02 4.00
O4 SO4 B . 4.37 -8.28 3.27
S SO4 C . 13.69 -5.61 3.05
O1 SO4 C . 13.19 -5.66 4.41
O2 SO4 C . 13.22 -6.79 2.31
O3 SO4 C . 13.19 -4.40 2.41
O4 SO4 C . 15.14 -5.59 3.05
#